data_8Y2S
#
_entry.id   8Y2S
#
_cell.length_a   72.251
_cell.length_b   141.900
_cell.length_c   89.571
_cell.angle_alpha   90.00
_cell.angle_beta   90.00
_cell.angle_gamma   90.00
#
_symmetry.space_group_name_H-M   'C 2 2 21'
#
loop_
_entity.id
_entity.type
_entity.pdbx_description
1 polymer '4-hydroxybenzoate 3-monooxygenase'
2 non-polymer '3-methyl-4-oxidanyl-benzoic acid'
3 non-polymer 'FLAVIN-ADENINE DINUCLEOTIDE'
4 water water
#
_entity_poly.entity_id   1
_entity_poly.type   'polypeptide(L)'
_entity_poly.pdbx_seq_one_letter_code
;MKTQVAIIGAGPSGLLLGQLLHKAGIDNVILERQTPDYVLGRIRAGMLEQGMVDLLREAGVDRRMARDGLVHEGVEIAFA
GQRRRIDLKRLSGGKTVMVYGQTEVTRDLMEAREACGATTVYQAAEVRLHDLQGERPYVTFERDGERLRLDCDYIAGCDG
FHGISRQSIPAERLKVFERVYPFGWLGLLADTPPVSHENIYANHPRGFALCSQRSATRSRYYVQVPLTEKVEDWSDERFW
TELKARLPAEVAEKLVTGPSLEKSIAPLRSFVVEPMQHGRLFLAGDAAHIVPPTGAKGLNLAASDVSTLYRLLLKAYREG
RGELLERYSAICLRRIWKAERFSWWMTSVLHRFPDTDAFSQRIQQTELEYYLGSEAGLATIAENYVGLPYEEIEHHHHHH
;
_entity_poly.pdbx_strand_id   A
#
# COMPACT_ATOMS: atom_id res chain seq x y z
N MET A 1 -25.88 6.51 17.70
CA MET A 1 -25.81 6.03 16.28
C MET A 1 -25.81 4.51 16.25
N LYS A 2 -26.53 3.94 15.27
CA LYS A 2 -26.57 2.50 15.07
C LYS A 2 -26.19 2.18 13.63
N THR A 3 -25.32 1.18 13.48
CA THR A 3 -24.97 0.66 12.18
C THR A 3 -24.72 -0.83 12.30
N GLN A 4 -24.34 -1.46 11.18
CA GLN A 4 -24.01 -2.87 11.19
C GLN A 4 -22.49 -3.04 11.27
N VAL A 5 -21.76 -2.30 10.43
CA VAL A 5 -20.30 -2.36 10.44
C VAL A 5 -19.70 -0.99 10.71
N ALA A 6 -19.10 -0.83 11.87
CA ALA A 6 -18.37 0.38 12.21
C ALA A 6 -16.97 0.32 11.60
N ILE A 7 -16.63 1.34 10.81
CA ILE A 7 -15.33 1.39 10.14
C ILE A 7 -14.47 2.52 10.73
N ILE A 8 -13.31 2.16 11.26
CA ILE A 8 -12.39 3.16 11.80
C ILE A 8 -11.34 3.54 10.76
N GLY A 9 -11.36 4.79 10.34
CA GLY A 9 -10.40 5.31 9.38
C GLY A 9 -10.97 5.49 7.99
N ALA A 10 -10.79 6.69 7.42
CA ALA A 10 -11.28 6.99 6.08
C ALA A 10 -10.12 7.02 5.07
N GLY A 11 -9.17 6.10 5.25
CA GLY A 11 -8.13 5.89 4.27
C GLY A 11 -8.68 5.00 3.16
N PRO A 12 -7.81 4.56 2.24
CA PRO A 12 -8.28 3.72 1.13
C PRO A 12 -8.88 2.38 1.58
N SER A 13 -8.39 1.83 2.69
CA SER A 13 -8.96 0.60 3.23
C SER A 13 -10.42 0.79 3.64
N GLY A 14 -10.65 1.73 4.55
CA GLY A 14 -11.98 1.96 5.08
C GLY A 14 -12.99 2.40 4.04
N LEU A 15 -12.57 3.31 3.17
CA LEU A 15 -13.44 3.81 2.11
C LEU A 15 -13.85 2.71 1.15
N LEU A 16 -12.89 1.89 0.74
CA LEU A 16 -13.18 0.83 -0.21
C LEU A 16 -14.12 -0.21 0.39
N LEU A 17 -13.85 -0.61 1.62
CA LEU A 17 -14.72 -1.53 2.35
C LEU A 17 -16.10 -0.92 2.49
N GLY A 18 -16.14 0.37 2.84
CA GLY A 18 -17.39 1.09 2.99
C GLY A 18 -18.25 1.06 1.75
N GLN A 19 -17.64 1.34 0.60
CA GLN A 19 -18.38 1.39 -0.66
C GLN A 19 -18.79 0.00 -1.14
N LEU A 20 -17.96 -1.00 -0.88
CA LEU A 20 -18.30 -2.37 -1.22
C LEU A 20 -19.50 -2.85 -0.41
N LEU A 21 -19.51 -2.52 0.88
CA LEU A 21 -20.62 -2.90 1.76
C LEU A 21 -21.89 -2.14 1.38
N HIS A 22 -21.73 -0.92 0.90
CA HIS A 22 -22.87 -0.11 0.49
C HIS A 22 -23.66 -0.79 -0.63
N LYS A 23 -22.96 -1.17 -1.70
CA LYS A 23 -23.59 -1.86 -2.82
C LYS A 23 -24.28 -3.14 -2.38
N ALA A 24 -23.77 -3.75 -1.31
CA ALA A 24 -24.26 -5.04 -0.85
C ALA A 24 -25.54 -4.92 -0.02
N GLY A 25 -25.76 -3.74 0.54
CA GLY A 25 -26.93 -3.48 1.37
C GLY A 25 -26.60 -3.43 2.85
N ILE A 26 -25.33 -3.62 3.17
CA ILE A 26 -24.89 -3.64 4.56
C ILE A 26 -24.61 -2.23 5.06
N ASP A 27 -25.34 -1.83 6.10
CA ASP A 27 -25.14 -0.52 6.69
C ASP A 27 -23.75 -0.37 7.30
N ASN A 28 -23.12 0.77 7.03
CA ASN A 28 -21.80 1.05 7.59
C ASN A 28 -21.58 2.55 7.77
N VAL A 29 -20.75 2.90 8.75
CA VAL A 29 -20.34 4.29 8.93
C VAL A 29 -18.85 4.34 9.20
N ILE A 30 -18.21 5.36 8.65
CA ILE A 30 -16.77 5.56 8.77
C ILE A 30 -16.45 6.68 9.75
N LEU A 31 -15.49 6.43 10.63
CA LEU A 31 -14.99 7.44 11.55
C LEU A 31 -13.53 7.76 11.22
N GLU A 32 -13.28 9.03 10.90
CA GLU A 32 -11.93 9.50 10.60
C GLU A 32 -11.51 10.57 11.59
N ARG A 33 -10.28 10.47 12.06
CA ARG A 33 -9.76 11.42 13.04
C ARG A 33 -9.43 12.77 12.40
N GLN A 34 -8.92 12.71 11.17
CA GLN A 34 -8.49 13.92 10.46
C GLN A 34 -9.61 14.49 9.59
N THR A 35 -9.28 15.54 8.84
CA THR A 35 -10.22 16.14 7.90
C THR A 35 -10.00 15.56 6.51
N PRO A 36 -11.03 15.61 5.65
CA PRO A 36 -10.91 15.11 4.28
C PRO A 36 -9.74 15.76 3.54
N ASP A 37 -9.61 17.07 3.69
CA ASP A 37 -8.52 17.82 3.08
C ASP A 37 -7.17 17.27 3.51
N TYR A 38 -7.09 16.83 4.76
CA TYR A 38 -5.84 16.31 5.30
C TYR A 38 -5.53 14.93 4.74
N VAL A 39 -6.53 14.05 4.74
CA VAL A 39 -6.36 12.70 4.18
C VAL A 39 -5.93 12.80 2.73
N LEU A 40 -6.54 13.72 1.98
CA LEU A 40 -6.19 13.93 0.60
C LEU A 40 -4.86 14.67 0.49
N GLY A 41 -4.45 15.31 1.58
CA GLY A 41 -3.17 15.97 1.63
C GLY A 41 -2.04 14.97 1.61
N ARG A 42 -2.33 13.73 2.00
CA ARG A 42 -1.34 12.66 1.95
C ARG A 42 -0.97 12.36 0.51
N ILE A 43 0.23 12.76 0.12
CA ILE A 43 0.69 12.55 -1.26
C ILE A 43 1.46 11.25 -1.36
N ARG A 44 0.73 10.16 -1.57
CA ARG A 44 1.34 8.86 -1.81
C ARG A 44 0.98 8.40 -3.22
N ALA A 45 1.97 7.85 -3.91
CA ALA A 45 1.77 7.37 -5.26
C ALA A 45 1.11 6.00 -5.21
N GLY A 46 0.92 5.39 -6.37
CA GLY A 46 0.24 4.11 -6.45
C GLY A 46 0.52 3.35 -7.72
N MET A 47 0.95 2.10 -7.53
CA MET A 47 0.95 1.10 -8.59
C MET A 47 -0.07 0.04 -8.18
N LEU A 48 -0.99 -0.27 -9.08
CA LEU A 48 -2.13 -1.13 -8.76
C LEU A 48 -2.08 -2.46 -9.48
N GLU A 49 -2.28 -3.55 -8.73
CA GLU A 49 -2.48 -4.87 -9.32
C GLU A 49 -3.85 -4.90 -9.99
N GLN A 50 -4.04 -5.88 -10.89
CA GLN A 50 -5.32 -6.01 -11.58
C GLN A 50 -6.41 -6.41 -10.60
N GLY A 51 -6.02 -7.11 -9.53
CA GLY A 51 -6.95 -7.49 -8.48
C GLY A 51 -7.60 -6.26 -7.86
N MET A 52 -6.78 -5.25 -7.58
CA MET A 52 -7.29 -4.01 -7.00
C MET A 52 -8.08 -3.20 -8.02
N VAL A 53 -7.64 -3.23 -9.27
CA VAL A 53 -8.35 -2.54 -10.35
C VAL A 53 -9.78 -3.06 -10.42
N ASP A 54 -9.92 -4.38 -10.53
CA ASP A 54 -11.23 -5.02 -10.66
C ASP A 54 -12.09 -4.80 -9.41
N LEU A 55 -11.43 -4.60 -8.27
CA LEU A 55 -12.12 -4.37 -7.01
C LEU A 55 -12.70 -2.95 -6.98
N LEU A 56 -12.05 -2.03 -7.69
CA LEU A 56 -12.54 -0.66 -7.79
C LEU A 56 -13.72 -0.58 -8.75
N ARG A 57 -13.74 -1.46 -9.75
CA ARG A 57 -14.86 -1.54 -10.67
C ARG A 57 -16.09 -2.13 -9.97
N GLU A 58 -15.85 -3.13 -9.14
CA GLU A 58 -16.92 -3.76 -8.37
C GLU A 58 -17.52 -2.76 -7.39
N ALA A 59 -16.68 -1.87 -6.86
CA ALA A 59 -17.15 -0.83 -5.95
C ALA A 59 -17.77 0.33 -6.72
N GLY A 60 -17.64 0.30 -8.04
CA GLY A 60 -18.27 1.29 -8.90
C GLY A 60 -17.51 2.60 -9.00
N VAL A 61 -16.21 2.57 -8.68
CA VAL A 61 -15.39 3.77 -8.66
C VAL A 61 -14.27 3.70 -9.70
N ASP A 62 -14.59 3.19 -10.88
CA ASP A 62 -13.58 2.91 -11.90
C ASP A 62 -13.56 3.91 -13.06
N ARG A 63 -14.51 4.82 -13.09
CA ARG A 63 -14.67 5.71 -14.25
C ARG A 63 -13.43 6.56 -14.53
N ARG A 64 -12.96 7.26 -13.51
CA ARG A 64 -11.84 8.19 -13.68
C ARG A 64 -10.52 7.45 -13.88
N MET A 65 -10.38 6.29 -13.25
CA MET A 65 -9.16 5.49 -13.39
C MET A 65 -9.07 4.91 -14.80
N ALA A 66 -10.22 4.60 -15.38
CA ALA A 66 -10.27 4.12 -16.76
C ALA A 66 -9.83 5.23 -17.72
N ARG A 67 -9.85 6.47 -17.23
CA ARG A 67 -9.49 7.63 -18.03
C ARG A 67 -8.05 8.06 -17.76
N ASP A 68 -7.73 8.30 -16.48
CA ASP A 68 -6.44 8.87 -16.11
C ASP A 68 -5.38 7.81 -15.82
N GLY A 69 -5.79 6.55 -15.70
CA GLY A 69 -4.87 5.48 -15.37
C GLY A 69 -3.91 5.15 -16.50
N LEU A 70 -2.68 4.78 -16.14
CA LEU A 70 -1.65 4.41 -17.12
C LEU A 70 -1.23 2.95 -16.92
N VAL A 71 -1.42 2.13 -17.95
CA VAL A 71 -1.09 0.72 -17.90
C VAL A 71 0.38 0.49 -18.25
N HIS A 72 1.06 -0.30 -17.42
CA HIS A 72 2.42 -0.74 -17.71
C HIS A 72 2.43 -2.23 -18.02
N GLU A 73 2.98 -2.58 -19.20
CA GLU A 73 3.09 -3.96 -19.61
C GLU A 73 4.44 -4.56 -19.20
N GLY A 74 5.30 -3.71 -18.64
CA GLY A 74 6.62 -4.13 -18.23
C GLY A 74 7.26 -3.20 -17.22
N VAL A 75 8.41 -3.62 -16.70
CA VAL A 75 9.14 -2.83 -15.72
C VAL A 75 10.63 -3.12 -15.90
N GLU A 76 11.48 -2.15 -15.56
CA GLU A 76 12.91 -2.27 -15.78
C GLU A 76 13.71 -2.38 -14.49
N ILE A 77 14.72 -3.24 -14.51
CA ILE A 77 15.72 -3.32 -13.45
C ILE A 77 17.08 -3.01 -14.03
N ALA A 78 17.81 -2.10 -13.39
CA ALA A 78 19.16 -1.73 -13.82
C ALA A 78 20.19 -2.09 -12.76
N PHE A 79 21.28 -2.69 -13.20
CA PHE A 79 22.36 -3.09 -12.31
C PHE A 79 23.60 -3.46 -13.11
N ALA A 80 24.77 -3.15 -12.56
CA ALA A 80 26.04 -3.56 -13.15
C ALA A 80 26.14 -3.20 -14.63
N GLY A 81 25.79 -1.97 -14.97
CA GLY A 81 25.88 -1.50 -16.34
C GLY A 81 24.85 -2.10 -17.27
N GLN A 82 23.94 -2.91 -16.72
CA GLN A 82 22.91 -3.55 -17.54
C GLN A 82 21.53 -2.93 -17.33
N ARG A 83 20.70 -3.02 -18.37
CA ARG A 83 19.31 -2.63 -18.30
C ARG A 83 18.46 -3.78 -18.83
N ARG A 84 17.59 -4.31 -17.96
CA ARG A 84 16.80 -5.48 -18.30
C ARG A 84 15.31 -5.19 -18.10
N ARG A 85 14.53 -5.39 -19.17
CA ARG A 85 13.08 -5.20 -19.10
C ARG A 85 12.38 -6.51 -18.79
N ILE A 86 11.50 -6.47 -17.80
CA ILE A 86 10.67 -7.61 -17.46
C ILE A 86 9.32 -7.45 -18.14
N ASP A 87 9.05 -8.31 -19.13
CA ASP A 87 7.80 -8.25 -19.87
C ASP A 87 6.68 -8.85 -19.01
N LEU A 88 6.08 -8.02 -18.17
CA LEU A 88 5.05 -8.45 -17.23
C LEU A 88 3.86 -9.10 -17.93
N LYS A 89 3.40 -8.45 -19.00
CA LYS A 89 2.24 -8.93 -19.74
C LYS A 89 2.46 -10.33 -20.28
N ARG A 90 3.59 -10.53 -20.96
CA ARG A 90 3.89 -11.82 -21.57
C ARG A 90 4.13 -12.90 -20.53
N LEU A 91 4.90 -12.57 -19.49
CA LEU A 91 5.35 -13.56 -18.52
C LEU A 91 4.25 -13.99 -17.56
N SER A 92 3.34 -13.08 -17.24
CA SER A 92 2.30 -13.35 -16.25
C SER A 92 1.03 -13.92 -16.89
N GLY A 93 0.93 -13.80 -18.20
CA GLY A 93 -0.26 -14.24 -18.92
C GLY A 93 -1.30 -13.14 -19.01
N GLY A 94 -0.96 -12.07 -19.73
CA GLY A 94 -1.90 -11.00 -20.02
C GLY A 94 -2.01 -9.94 -18.95
N LYS A 95 -1.56 -10.24 -17.73
CA LYS A 95 -1.74 -9.32 -16.61
C LYS A 95 -0.76 -8.16 -16.64
N THR A 96 -1.22 -7.02 -16.14
CA THR A 96 -0.43 -5.80 -16.12
C THR A 96 -0.60 -5.08 -14.80
N VAL A 97 0.05 -3.91 -14.67
CA VAL A 97 -0.09 -3.07 -13.49
C VAL A 97 -0.54 -1.67 -13.92
N MET A 98 -1.10 -0.92 -12.99
CA MET A 98 -1.73 0.37 -13.28
C MET A 98 -1.11 1.49 -12.47
N VAL A 99 -0.61 2.51 -13.16
CA VAL A 99 -0.20 3.73 -12.49
C VAL A 99 -1.44 4.56 -12.20
N TYR A 100 -1.81 4.63 -10.93
CA TYR A 100 -2.91 5.48 -10.49
C TYR A 100 -2.75 5.73 -9.00
N GLY A 101 -2.36 6.97 -8.67
CA GLY A 101 -1.94 7.30 -7.32
C GLY A 101 -2.99 7.06 -6.25
N GLN A 102 -2.51 6.70 -5.07
CA GLN A 102 -3.38 6.48 -3.92
C GLN A 102 -4.22 7.72 -3.62
N THR A 103 -3.67 8.89 -3.87
CA THR A 103 -4.37 10.14 -3.63
C THR A 103 -5.60 10.24 -4.54
N GLU A 104 -5.47 9.79 -5.78
CA GLU A 104 -6.58 9.79 -6.72
C GLU A 104 -7.61 8.73 -6.33
N VAL A 105 -7.14 7.55 -5.95
CA VAL A 105 -8.04 6.47 -5.53
C VAL A 105 -8.85 6.90 -4.31
N THR A 106 -8.20 7.60 -3.38
CA THR A 106 -8.87 8.04 -2.16
C THR A 106 -9.91 9.13 -2.48
N ARG A 107 -9.58 10.00 -3.44
CA ARG A 107 -10.51 11.02 -3.89
C ARG A 107 -11.74 10.38 -4.51
N ASP A 108 -11.51 9.48 -5.45
CA ASP A 108 -12.59 8.80 -6.18
C ASP A 108 -13.56 8.12 -5.21
N LEU A 109 -13.01 7.45 -4.20
CA LEU A 109 -13.83 6.71 -3.24
C LEU A 109 -14.66 7.66 -2.38
N MET A 110 -14.07 8.79 -1.98
CA MET A 110 -14.78 9.79 -1.21
C MET A 110 -15.97 10.35 -1.99
N GLU A 111 -15.74 10.64 -3.26
CA GLU A 111 -16.78 11.19 -4.12
C GLU A 111 -17.96 10.24 -4.25
N ALA A 112 -17.67 8.95 -4.41
CA ALA A 112 -18.74 7.96 -4.52
C ALA A 112 -19.48 7.84 -3.20
N ARG A 113 -18.77 8.00 -2.09
CA ARG A 113 -19.40 7.86 -0.77
C ARG A 113 -20.25 9.07 -0.44
N GLU A 114 -19.76 10.26 -0.76
CA GLU A 114 -20.54 11.47 -0.57
C GLU A 114 -21.75 11.46 -1.51
N ALA A 115 -21.51 11.04 -2.75
CA ALA A 115 -22.55 11.05 -3.77
C ALA A 115 -23.74 10.17 -3.39
N CYS A 116 -23.47 9.05 -2.71
CA CYS A 116 -24.53 8.12 -2.34
C CYS A 116 -25.07 8.39 -0.93
N GLY A 117 -24.51 9.40 -0.27
CA GLY A 117 -25.03 9.85 1.01
C GLY A 117 -24.72 8.97 2.19
N ALA A 118 -23.77 8.05 2.02
CA ALA A 118 -23.37 7.16 3.11
C ALA A 118 -22.76 7.96 4.26
N THR A 119 -22.76 7.38 5.45
CA THR A 119 -22.36 8.09 6.65
C THR A 119 -20.85 8.09 6.84
N THR A 120 -20.28 9.29 7.02
CA THR A 120 -18.87 9.44 7.33
C THR A 120 -18.69 10.59 8.31
N VAL A 121 -18.00 10.32 9.41
CA VAL A 121 -17.77 11.32 10.45
C VAL A 121 -16.29 11.65 10.57
N TYR A 122 -15.91 12.80 10.03
CA TYR A 122 -14.54 13.29 10.14
C TYR A 122 -14.35 14.04 11.45
N GLN A 123 -13.10 14.34 11.78
CA GLN A 123 -12.75 15.02 13.04
C GLN A 123 -13.32 14.27 14.25
N ALA A 124 -13.39 12.95 14.16
CA ALA A 124 -13.82 12.12 15.27
C ALA A 124 -12.63 11.75 16.14
N ALA A 125 -12.52 12.39 17.30
CA ALA A 125 -11.34 12.25 18.15
C ALA A 125 -11.61 11.33 19.34
N GLU A 126 -10.52 10.94 20.01
CA GLU A 126 -10.56 10.01 21.13
C GLU A 126 -11.40 8.77 20.81
N VAL A 127 -11.17 8.20 19.64
CA VAL A 127 -11.89 6.99 19.24
C VAL A 127 -11.47 5.84 20.16
N ARG A 128 -12.46 5.15 20.72
CA ARG A 128 -12.23 4.02 21.61
C ARG A 128 -13.21 2.91 21.29
N LEU A 129 -12.74 1.66 21.30
CA LEU A 129 -13.58 0.51 21.01
C LEU A 129 -13.98 -0.20 22.31
N HIS A 130 -15.14 -0.86 22.30
CA HIS A 130 -15.70 -1.43 23.51
C HIS A 130 -16.41 -2.76 23.27
N ASP A 131 -16.29 -3.67 24.23
CA ASP A 131 -17.05 -4.91 24.24
C ASP A 131 -16.81 -5.74 22.99
N LEU A 132 -15.54 -5.84 22.61
CA LEU A 132 -15.15 -6.48 21.35
C LEU A 132 -15.49 -7.97 21.32
N GLN A 133 -15.27 -8.67 22.42
CA GLN A 133 -15.64 -10.08 22.51
C GLN A 133 -17.09 -10.21 22.95
N GLY A 134 -17.71 -9.07 23.27
CA GLY A 134 -19.12 -9.05 23.59
C GLY A 134 -19.98 -9.23 22.36
N GLU A 135 -21.28 -8.95 22.49
CA GLU A 135 -22.24 -9.17 21.42
C GLU A 135 -22.82 -7.84 20.94
N ARG A 136 -22.60 -6.80 21.75
CA ARG A 136 -23.01 -5.45 21.41
C ARG A 136 -21.81 -4.52 21.47
N PRO A 137 -20.83 -4.73 20.58
CA PRO A 137 -19.66 -3.85 20.51
C PRO A 137 -20.06 -2.45 20.11
N TYR A 138 -19.33 -1.45 20.62
CA TYR A 138 -19.66 -0.06 20.32
C TYR A 138 -18.42 0.82 20.39
N VAL A 139 -18.48 1.93 19.66
CA VAL A 139 -17.37 2.88 19.56
C VAL A 139 -17.78 4.19 20.21
N THR A 140 -16.80 4.89 20.81
CA THR A 140 -17.05 6.19 21.42
C THR A 140 -16.03 7.22 20.91
N PHE A 141 -16.50 8.42 20.62
CA PHE A 141 -15.64 9.48 20.09
C PHE A 141 -16.20 10.87 20.39
N GLU A 142 -15.42 11.90 20.09
CA GLU A 142 -15.78 13.27 20.41
C GLU A 142 -15.51 14.22 19.25
N ARG A 143 -16.57 14.86 18.76
CA ARG A 143 -16.44 15.97 17.81
C ARG A 143 -17.39 17.11 18.20
N ASP A 144 -16.96 18.34 17.92
CA ASP A 144 -17.72 19.53 18.26
C ASP A 144 -18.09 19.57 19.75
N GLY A 145 -17.21 19.01 20.58
CA GLY A 145 -17.38 19.06 22.02
C GLY A 145 -18.24 17.96 22.60
N GLU A 146 -19.10 17.37 21.76
CA GLU A 146 -20.01 16.32 22.20
C GLU A 146 -19.38 14.94 22.16
N ARG A 147 -19.78 14.09 23.11
CA ARG A 147 -19.36 12.70 23.13
C ARG A 147 -20.45 11.83 22.56
N LEU A 148 -20.11 11.07 21.51
CA LEU A 148 -21.08 10.19 20.86
C LEU A 148 -20.74 8.73 21.03
N ARG A 149 -21.71 7.89 20.71
CA ARG A 149 -21.56 6.45 20.75
C ARG A 149 -22.13 5.83 19.48
N LEU A 150 -21.31 5.03 18.80
CA LEU A 150 -21.74 4.31 17.62
C LEU A 150 -21.85 2.81 17.93
N ASP A 151 -23.07 2.32 17.99
CA ASP A 151 -23.31 0.90 18.22
C ASP A 151 -23.18 0.14 16.91
N CYS A 152 -22.76 -1.11 17.00
CA CYS A 152 -22.47 -1.90 15.82
C CYS A 152 -22.47 -3.39 16.12
N ASP A 153 -22.45 -4.19 15.06
CA ASP A 153 -22.25 -5.63 15.17
C ASP A 153 -20.77 -5.95 15.08
N TYR A 154 -20.08 -5.27 14.16
CA TYR A 154 -18.67 -5.53 13.88
C TYR A 154 -17.88 -4.24 13.77
N ILE A 155 -16.56 -4.34 13.94
CA ILE A 155 -15.67 -3.19 13.81
C ILE A 155 -14.52 -3.50 12.86
N ALA A 156 -14.35 -2.64 11.86
CA ALA A 156 -13.25 -2.77 10.91
C ALA A 156 -12.16 -1.77 11.25
N GLY A 157 -11.03 -2.27 11.72
CA GLY A 157 -9.89 -1.43 12.03
C GLY A 157 -9.09 -1.13 10.77
N CYS A 158 -9.43 0.00 10.14
CA CYS A 158 -8.75 0.45 8.93
C CYS A 158 -8.03 1.76 9.20
N ASP A 159 -7.52 1.89 10.41
CA ASP A 159 -6.97 3.15 10.88
C ASP A 159 -5.45 3.20 10.79
N GLY A 160 -4.89 2.35 9.94
CA GLY A 160 -3.46 2.39 9.65
C GLY A 160 -2.58 1.99 10.81
N PHE A 161 -1.27 2.15 10.61
CA PHE A 161 -0.28 1.64 11.54
C PHE A 161 -0.39 2.26 12.93
N HIS A 162 -0.67 3.56 12.98
CA HIS A 162 -0.74 4.29 14.25
C HIS A 162 -2.19 4.44 14.74
N GLY A 163 -3.05 3.54 14.30
CA GLY A 163 -4.44 3.56 14.69
C GLY A 163 -4.67 2.99 16.07
N ILE A 164 -5.86 3.20 16.61
CA ILE A 164 -6.19 2.74 17.95
C ILE A 164 -6.67 1.28 17.92
N SER A 165 -7.03 0.79 16.74
CA SER A 165 -7.61 -0.54 16.61
C SER A 165 -6.68 -1.67 17.05
N ARG A 166 -5.44 -1.68 16.57
CA ARG A 166 -4.51 -2.75 16.96
C ARG A 166 -4.21 -2.64 18.45
N GLN A 167 -4.16 -1.41 18.95
CA GLN A 167 -3.87 -1.17 20.36
C GLN A 167 -5.07 -1.45 21.25
N SER A 168 -6.19 -1.81 20.65
CA SER A 168 -7.40 -2.15 21.41
C SER A 168 -7.48 -3.65 21.64
N ILE A 169 -6.57 -4.40 21.01
CA ILE A 169 -6.51 -5.85 21.20
C ILE A 169 -5.50 -6.18 22.31
N PRO A 170 -5.86 -7.11 23.22
CA PRO A 170 -4.90 -7.48 24.27
C PRO A 170 -3.62 -8.03 23.68
N ALA A 171 -2.48 -7.47 24.08
CA ALA A 171 -1.19 -7.79 23.49
C ALA A 171 -0.85 -9.28 23.60
N GLU A 172 -1.36 -9.93 24.64
CA GLU A 172 -1.10 -11.36 24.85
C GLU A 172 -1.68 -12.21 23.72
N ARG A 173 -2.70 -11.69 23.04
CA ARG A 173 -3.35 -12.42 21.96
C ARG A 173 -2.58 -12.31 20.65
N LEU A 174 -1.70 -11.33 20.56
CA LEU A 174 -1.01 -11.00 19.31
C LEU A 174 0.44 -11.41 19.32
N LYS A 175 0.91 -11.90 18.17
CA LYS A 175 2.33 -12.10 17.93
C LYS A 175 2.76 -11.17 16.83
N VAL A 176 3.86 -10.45 17.05
CA VAL A 176 4.37 -9.46 16.11
C VAL A 176 5.61 -9.96 15.40
N PHE A 177 5.59 -9.87 14.06
CA PHE A 177 6.74 -10.19 13.22
C PHE A 177 7.22 -8.90 12.59
N GLU A 178 8.48 -8.55 12.81
CA GLU A 178 8.98 -7.24 12.41
C GLU A 178 10.43 -7.27 11.92
N ARG A 179 10.68 -6.48 10.88
CA ARG A 179 12.02 -6.26 10.36
C ARG A 179 12.18 -4.79 10.00
N VAL A 180 13.19 -4.14 10.57
CA VAL A 180 13.49 -2.75 10.25
C VAL A 180 14.78 -2.71 9.43
N TYR A 181 14.68 -2.12 8.23
CA TYR A 181 15.81 -2.08 7.33
C TYR A 181 16.69 -0.86 7.63
N PRO A 182 18.01 -0.99 7.41
CA PRO A 182 18.97 0.03 7.83
C PRO A 182 19.08 1.20 6.84
N PHE A 183 17.95 1.59 6.25
CA PHE A 183 17.92 2.68 5.29
C PHE A 183 16.50 3.15 5.06
N GLY A 184 16.37 4.35 4.50
CA GLY A 184 15.08 4.90 4.14
C GLY A 184 15.09 5.32 2.69
N TRP A 185 13.92 5.73 2.19
CA TRP A 185 13.80 6.28 0.83
C TRP A 185 13.66 7.78 0.90
N LEU A 186 14.56 8.49 0.22
CA LEU A 186 14.38 9.92 -0.02
C LEU A 186 13.60 10.09 -1.30
N GLY A 187 12.35 10.54 -1.18
CA GLY A 187 11.47 10.67 -2.32
C GLY A 187 11.28 12.11 -2.77
N LEU A 188 11.06 12.30 -4.06
CA LEU A 188 10.82 13.62 -4.63
C LEU A 188 9.77 13.57 -5.74
N LEU A 189 8.68 14.31 -5.52
CA LEU A 189 7.63 14.47 -6.51
C LEU A 189 7.85 15.75 -7.30
N ALA A 190 7.83 15.66 -8.62
CA ALA A 190 8.08 16.81 -9.49
C ALA A 190 7.09 16.87 -10.64
N ASP A 191 6.80 18.09 -11.09
CA ASP A 191 5.89 18.31 -12.21
C ASP A 191 6.66 18.21 -13.54
N THR A 192 7.29 17.06 -13.75
CA THR A 192 8.14 16.84 -14.92
C THR A 192 7.72 15.58 -15.66
N PRO A 193 8.03 15.50 -16.96
CA PRO A 193 7.73 14.27 -17.69
C PRO A 193 8.65 13.13 -17.29
N PRO A 194 8.10 11.93 -17.08
CA PRO A 194 8.91 10.76 -16.72
C PRO A 194 9.94 10.39 -17.78
N VAL A 195 11.12 9.97 -17.32
CA VAL A 195 12.24 9.63 -18.19
C VAL A 195 11.95 8.37 -18.98
N SER A 196 10.98 7.59 -18.51
CA SER A 196 10.61 6.34 -19.17
C SER A 196 9.12 6.08 -19.02
N HIS A 197 8.54 5.42 -20.01
CA HIS A 197 7.11 5.09 -20.01
C HIS A 197 6.82 3.89 -19.11
N GLU A 198 7.88 3.25 -18.62
CA GLU A 198 7.78 2.22 -17.58
C GLU A 198 8.75 2.58 -16.46
N ASN A 199 8.52 2.02 -15.27
CA ASN A 199 9.35 2.35 -14.11
C ASN A 199 10.71 1.67 -14.17
N ILE A 200 11.67 2.24 -13.45
CA ILE A 200 13.05 1.75 -13.45
C ILE A 200 13.57 1.63 -12.02
N TYR A 201 13.82 0.38 -11.60
CA TYR A 201 14.56 0.12 -10.37
C TYR A 201 16.05 0.07 -10.69
N ALA A 202 16.86 0.71 -9.86
CA ALA A 202 18.30 0.73 -10.06
C ALA A 202 19.07 0.28 -8.82
N ASN A 203 19.84 -0.79 -8.97
CA ASN A 203 20.84 -1.17 -7.98
C ASN A 203 22.19 -0.61 -8.41
N HIS A 204 22.65 0.41 -7.67
CA HIS A 204 23.92 1.06 -7.94
C HIS A 204 24.79 0.98 -6.69
N PRO A 205 26.12 0.87 -6.86
CA PRO A 205 27.01 0.80 -5.69
C PRO A 205 26.78 1.91 -4.67
N ARG A 206 26.42 3.09 -5.15
CA ARG A 206 26.14 4.22 -4.26
C ARG A 206 24.83 4.04 -3.50
N GLY A 207 23.97 3.17 -4.01
CA GLY A 207 22.70 2.90 -3.37
C GLY A 207 21.57 2.68 -4.37
N PHE A 208 20.42 2.30 -3.84
CA PHE A 208 19.22 2.07 -4.64
C PHE A 208 18.63 3.38 -5.16
N ALA A 209 18.04 3.33 -6.35
CA ALA A 209 17.27 4.44 -6.88
C ALA A 209 16.06 3.92 -7.65
N LEU A 210 15.01 4.73 -7.73
CA LEU A 210 13.77 4.34 -8.40
C LEU A 210 13.19 5.49 -9.20
N CYS A 211 12.85 5.21 -10.45
CA CYS A 211 12.14 6.15 -11.31
C CYS A 211 10.70 5.69 -11.51
N SER A 212 9.74 6.56 -11.14
CA SER A 212 8.34 6.20 -11.21
C SER A 212 7.45 7.34 -11.72
N GLN A 213 6.19 7.00 -11.99
CA GLN A 213 5.23 7.95 -12.57
C GLN A 213 4.06 8.26 -11.63
N ARG A 214 3.28 9.26 -12.00
CA ARG A 214 1.98 9.53 -11.41
C ARG A 214 0.99 9.85 -12.53
N SER A 215 1.07 11.07 -13.05
CA SER A 215 0.40 11.40 -14.30
C SER A 215 1.37 11.07 -15.43
N ALA A 216 1.23 11.76 -16.56
CA ALA A 216 2.25 11.72 -17.61
C ALA A 216 3.01 13.04 -17.65
N THR A 217 2.64 13.95 -16.74
CA THR A 217 3.35 15.21 -16.56
C THR A 217 3.87 15.35 -15.12
N ARG A 218 3.81 14.25 -14.38
CA ARG A 218 4.28 14.21 -13.00
C ARG A 218 5.05 12.93 -12.73
N SER A 219 6.24 13.10 -12.15
CA SER A 219 7.17 12.01 -11.94
C SER A 219 7.47 11.86 -10.46
N ARG A 220 7.84 10.65 -10.06
CA ARG A 220 8.16 10.35 -8.68
C ARG A 220 9.46 9.55 -8.62
N TYR A 221 10.45 10.10 -7.92
CA TYR A 221 11.78 9.50 -7.86
C TYR A 221 12.19 9.21 -6.43
N TYR A 222 12.96 8.15 -6.24
CA TYR A 222 13.49 7.79 -4.93
C TYR A 222 14.97 7.45 -4.99
N VAL A 223 15.69 7.76 -3.92
CA VAL A 223 17.03 7.26 -3.70
C VAL A 223 17.13 6.78 -2.25
N GLN A 224 17.80 5.65 -2.03
CA GLN A 224 17.95 5.16 -0.67
C GLN A 224 18.93 6.05 0.06
N VAL A 225 18.66 6.29 1.34
CA VAL A 225 19.53 7.09 2.18
C VAL A 225 19.66 6.43 3.55
N PRO A 226 20.77 6.68 4.25
CA PRO A 226 20.86 6.21 5.64
C PRO A 226 19.81 6.87 6.52
N LEU A 227 19.46 6.24 7.62
CA LEU A 227 18.50 6.83 8.56
C LEU A 227 19.17 7.95 9.35
N THR A 228 20.47 8.11 9.17
CA THR A 228 21.23 9.19 9.80
C THR A 228 20.94 10.53 9.11
N GLU A 229 20.21 10.48 8.00
CA GLU A 229 20.03 11.65 7.16
C GLU A 229 18.77 12.44 7.50
N LYS A 230 18.85 13.75 7.34
CA LYS A 230 17.70 14.63 7.53
C LYS A 230 17.38 15.34 6.21
N VAL A 231 16.09 15.45 5.92
CA VAL A 231 15.61 15.95 4.64
C VAL A 231 16.14 17.36 4.31
N GLU A 232 16.44 18.14 5.34
CA GLU A 232 16.89 19.51 5.14
C GLU A 232 18.30 19.57 4.54
N ASP A 233 19.05 18.49 4.70
CA ASP A 233 20.40 18.41 4.13
C ASP A 233 20.37 18.01 2.66
N TRP A 234 19.16 17.90 2.10
CA TRP A 234 18.97 17.47 0.71
C TRP A 234 18.17 18.48 -0.09
N SER A 235 18.88 19.41 -0.73
CA SER A 235 18.27 20.32 -1.68
C SER A 235 17.75 19.53 -2.87
N ASP A 236 16.86 20.13 -3.65
CA ASP A 236 16.42 19.51 -4.90
C ASP A 236 17.66 19.26 -5.75
N GLU A 237 18.61 20.19 -5.66
CA GLU A 237 19.86 20.09 -6.40
C GLU A 237 20.63 18.82 -6.04
N ARG A 238 20.81 18.59 -4.74
CA ARG A 238 21.55 17.42 -4.28
C ARG A 238 20.84 16.14 -4.68
N PHE A 239 19.50 16.16 -4.64
CA PHE A 239 18.72 14.97 -4.98
C PHE A 239 18.96 14.56 -6.43
N TRP A 240 18.74 15.49 -7.35
CA TRP A 240 18.87 15.18 -8.78
C TRP A 240 20.27 14.71 -9.12
N THR A 241 21.26 15.27 -8.44
CA THR A 241 22.65 14.92 -8.69
C THR A 241 22.93 13.48 -8.25
N GLU A 242 22.42 13.11 -7.08
CA GLU A 242 22.62 11.75 -6.57
C GLU A 242 21.86 10.75 -7.43
N LEU A 243 20.59 11.05 -7.70
CA LEU A 243 19.76 10.17 -8.54
C LEU A 243 20.46 9.89 -9.87
N LYS A 244 20.94 10.94 -10.52
CA LYS A 244 21.62 10.78 -11.81
C LYS A 244 22.85 9.90 -11.70
N ALA A 245 23.59 10.03 -10.60
CA ALA A 245 24.78 9.23 -10.37
C ALA A 245 24.46 7.74 -10.22
N ARG A 246 23.23 7.44 -9.82
CA ARG A 246 22.84 6.05 -9.56
C ARG A 246 22.10 5.41 -10.74
N LEU A 247 21.87 6.18 -11.79
CA LEU A 247 21.16 5.70 -12.97
C LEU A 247 22.11 5.44 -14.13
N PRO A 248 21.69 4.60 -15.09
CA PRO A 248 22.44 4.48 -16.35
C PRO A 248 22.57 5.84 -17.04
N ALA A 249 23.67 6.06 -17.73
CA ALA A 249 23.92 7.36 -18.36
C ALA A 249 22.85 7.71 -19.38
N GLU A 250 22.45 6.73 -20.20
CA GLU A 250 21.46 6.96 -21.24
C GLU A 250 20.08 7.29 -20.65
N VAL A 251 19.92 7.06 -19.36
CA VAL A 251 18.69 7.43 -18.66
C VAL A 251 18.86 8.81 -18.03
N ALA A 252 19.99 9.02 -17.37
CA ALA A 252 20.27 10.29 -16.70
C ALA A 252 20.35 11.43 -17.72
N GLU A 253 20.77 11.10 -18.94
CA GLU A 253 20.80 12.06 -20.03
C GLU A 253 19.40 12.58 -20.34
N LYS A 254 18.45 11.66 -20.45
CA LYS A 254 17.08 12.00 -20.83
C LYS A 254 16.24 12.57 -19.68
N LEU A 255 16.84 12.69 -18.50
CA LEU A 255 16.08 13.02 -17.30
C LEU A 255 15.74 14.51 -17.20
N VAL A 256 14.45 14.80 -17.25
CA VAL A 256 13.96 16.16 -17.03
C VAL A 256 13.81 16.41 -15.54
N THR A 257 14.61 17.34 -15.02
CA THR A 257 14.56 17.67 -13.60
C THR A 257 13.68 18.90 -13.37
N GLY A 258 13.45 19.22 -12.09
CA GLY A 258 12.64 20.37 -11.73
C GLY A 258 12.45 20.46 -10.23
N PRO A 259 11.74 21.52 -9.79
CA PRO A 259 11.48 21.76 -8.36
C PRO A 259 10.65 20.64 -7.71
N SER A 260 10.80 20.49 -6.39
CA SER A 260 10.09 19.46 -5.65
C SER A 260 8.74 19.97 -5.14
N LEU A 261 7.68 19.24 -5.49
CA LEU A 261 6.36 19.51 -4.94
C LEU A 261 6.24 18.86 -3.58
N GLU A 262 6.85 17.69 -3.45
CA GLU A 262 6.90 16.96 -2.18
C GLU A 262 8.28 16.34 -2.05
N LYS A 263 8.87 16.48 -0.87
CA LYS A 263 10.18 15.90 -0.59
C LYS A 263 10.22 15.36 0.84
N SER A 264 10.39 14.05 0.96
CA SER A 264 10.33 13.39 2.27
C SER A 264 11.21 12.15 2.31
N ILE A 265 11.65 11.78 3.51
CA ILE A 265 12.37 10.54 3.73
C ILE A 265 11.44 9.55 4.44
N ALA A 266 11.34 8.34 3.89
CA ALA A 266 10.48 7.30 4.44
C ALA A 266 11.32 6.12 4.90
N PRO A 267 11.10 5.65 6.14
CA PRO A 267 11.83 4.46 6.61
C PRO A 267 11.21 3.18 6.07
N LEU A 268 12.06 2.17 5.86
CA LEU A 268 11.59 0.88 5.36
C LEU A 268 11.40 -0.10 6.51
N ARG A 269 10.20 -0.65 6.61
CA ARG A 269 9.84 -1.55 7.70
C ARG A 269 8.99 -2.70 7.18
N SER A 270 9.21 -3.89 7.72
CA SER A 270 8.29 -5.00 7.57
C SER A 270 7.60 -5.24 8.90
N PHE A 271 6.30 -5.51 8.85
CA PHE A 271 5.51 -5.70 10.06
C PHE A 271 4.31 -6.59 9.76
N VAL A 272 4.12 -7.61 10.59
CA VAL A 272 2.95 -8.47 10.51
C VAL A 272 2.50 -8.84 11.92
N VAL A 273 1.19 -8.79 12.15
CA VAL A 273 0.62 -9.24 13.41
C VAL A 273 -0.25 -10.46 13.15
N GLU A 274 -0.19 -11.42 14.07
CA GLU A 274 -0.99 -12.64 13.98
C GLU A 274 -1.66 -12.92 15.33
N PRO A 275 -2.98 -13.15 15.32
CA PRO A 275 -3.93 -13.05 14.20
C PRO A 275 -4.20 -11.59 13.83
N MET A 276 -5.20 -11.37 12.97
CA MET A 276 -5.56 -10.02 12.52
C MET A 276 -6.94 -9.61 13.05
N GLN A 277 -7.41 -10.28 14.08
CA GLN A 277 -8.76 -10.04 14.57
C GLN A 277 -8.90 -10.38 16.05
N HIS A 278 -9.92 -9.81 16.68
CA HIS A 278 -10.22 -10.09 18.07
C HIS A 278 -11.70 -9.86 18.33
N GLY A 279 -12.45 -10.94 18.49
CA GLY A 279 -13.88 -10.85 18.67
C GLY A 279 -14.55 -10.23 17.45
N ARG A 280 -15.19 -9.08 17.66
CA ARG A 280 -15.91 -8.40 16.59
C ARG A 280 -15.05 -7.35 15.89
N LEU A 281 -13.75 -7.34 16.23
CA LEU A 281 -12.81 -6.41 15.62
C LEU A 281 -11.93 -7.11 14.59
N PHE A 282 -11.86 -6.53 13.40
CA PHE A 282 -11.05 -7.04 12.30
C PHE A 282 -10.09 -5.96 11.82
N LEU A 283 -8.80 -6.24 11.82
CA LEU A 283 -7.81 -5.30 11.31
C LEU A 283 -7.65 -5.50 9.81
N ALA A 284 -7.43 -4.39 9.09
CA ALA A 284 -7.15 -4.46 7.67
C ALA A 284 -6.17 -3.36 7.28
N GLY A 285 -5.33 -3.65 6.28
CA GLY A 285 -4.39 -2.67 5.78
C GLY A 285 -3.22 -2.44 6.71
N ASP A 286 -2.80 -1.18 6.81
CA ASP A 286 -1.62 -0.83 7.60
C ASP A 286 -1.83 -1.04 9.10
N ALA A 287 -3.07 -1.20 9.51
CA ALA A 287 -3.37 -1.50 10.90
C ALA A 287 -2.85 -2.88 11.27
N ALA A 288 -2.76 -3.76 10.28
CA ALA A 288 -2.39 -5.15 10.49
C ALA A 288 -0.96 -5.45 10.05
N HIS A 289 -0.50 -4.77 9.02
CA HIS A 289 0.78 -5.11 8.43
C HIS A 289 1.42 -3.97 7.64
N ILE A 290 2.74 -3.98 7.60
CA ILE A 290 3.51 -3.04 6.81
C ILE A 290 4.48 -3.81 5.92
N VAL A 291 4.65 -3.35 4.68
CA VAL A 291 5.67 -3.88 3.79
C VAL A 291 6.59 -2.76 3.36
N PRO A 292 7.85 -3.08 3.04
CA PRO A 292 8.70 -2.08 2.40
C PRO A 292 8.16 -1.77 1.01
N PRO A 293 8.17 -0.50 0.59
CA PRO A 293 7.46 -0.14 -0.63
C PRO A 293 8.14 -0.60 -1.91
N THR A 294 9.29 -1.27 -1.80
CA THR A 294 10.02 -1.75 -2.96
C THR A 294 9.15 -2.60 -3.88
N GLY A 295 8.23 -3.35 -3.29
CA GLY A 295 7.33 -4.20 -4.05
C GLY A 295 6.03 -3.52 -4.46
N ALA A 296 5.78 -2.32 -3.91
CA ALA A 296 4.55 -1.59 -4.18
C ALA A 296 3.33 -2.44 -3.84
N LYS A 297 3.24 -2.87 -2.58
CA LYS A 297 2.25 -3.88 -2.18
C LYS A 297 1.29 -3.46 -1.07
N GLY A 298 1.64 -2.42 -0.32
CA GLY A 298 0.84 -2.05 0.85
C GLY A 298 -0.61 -1.73 0.55
N LEU A 299 -0.86 -0.96 -0.51
CA LEU A 299 -2.21 -0.55 -0.88
C LEU A 299 -2.94 -1.72 -1.51
N ASN A 300 -2.22 -2.52 -2.29
CA ASN A 300 -2.80 -3.71 -2.90
C ASN A 300 -3.14 -4.76 -1.86
N LEU A 301 -2.33 -4.84 -0.80
CA LEU A 301 -2.61 -5.76 0.30
C LEU A 301 -3.82 -5.29 1.09
N ALA A 302 -3.92 -3.98 1.27
CA ALA A 302 -5.09 -3.38 1.91
C ALA A 302 -6.36 -3.76 1.16
N ALA A 303 -6.26 -3.75 -0.17
CA ALA A 303 -7.38 -4.10 -1.03
C ALA A 303 -7.80 -5.55 -0.82
N SER A 304 -6.82 -6.45 -0.82
CA SER A 304 -7.10 -7.87 -0.67
C SER A 304 -7.68 -8.19 0.71
N ASP A 305 -7.21 -7.49 1.74
CA ASP A 305 -7.77 -7.63 3.08
C ASP A 305 -9.25 -7.25 3.07
N VAL A 306 -9.54 -6.08 2.52
CA VAL A 306 -10.88 -5.54 2.46
C VAL A 306 -11.80 -6.43 1.63
N SER A 307 -11.27 -6.95 0.53
CA SER A 307 -12.03 -7.86 -0.33
C SER A 307 -12.44 -9.09 0.46
N THR A 308 -11.52 -9.62 1.25
CA THR A 308 -11.79 -10.81 2.05
C THR A 308 -12.82 -10.51 3.14
N LEU A 309 -12.66 -9.37 3.81
CA LEU A 309 -13.57 -8.99 4.90
C LEU A 309 -14.97 -8.72 4.35
N TYR A 310 -15.04 -8.08 3.19
CA TYR A 310 -16.30 -7.77 2.53
C TYR A 310 -17.08 -9.04 2.19
N ARG A 311 -16.37 -10.03 1.65
CA ARG A 311 -17.02 -11.26 1.19
C ARG A 311 -17.41 -12.18 2.35
N LEU A 312 -16.68 -12.10 3.45
CA LEU A 312 -17.02 -12.86 4.66
C LEU A 312 -18.19 -12.20 5.38
N LEU A 313 -18.23 -10.88 5.37
CA LEU A 313 -19.32 -10.14 6.00
C LEU A 313 -20.61 -10.36 5.23
N LEU A 314 -20.49 -10.56 3.91
CA LEU A 314 -21.64 -10.87 3.08
C LEU A 314 -22.24 -12.21 3.47
N LYS A 315 -21.41 -13.25 3.41
CA LYS A 315 -21.85 -14.60 3.76
C LYS A 315 -22.27 -14.70 5.22
N ALA A 316 -21.84 -13.74 6.03
CA ALA A 316 -22.24 -13.69 7.43
C ALA A 316 -23.66 -13.13 7.57
N TYR A 317 -23.85 -11.92 7.06
CA TYR A 317 -25.15 -11.24 7.18
C TYR A 317 -26.23 -11.94 6.38
N ARG A 318 -25.85 -12.56 5.27
CA ARG A 318 -26.81 -13.31 4.46
C ARG A 318 -27.12 -14.67 5.06
N GLU A 319 -26.09 -15.51 5.11
CA GLU A 319 -26.26 -16.92 5.44
C GLU A 319 -26.32 -17.13 6.95
N GLY A 320 -26.37 -16.04 7.70
CA GLY A 320 -26.60 -16.08 9.13
C GLY A 320 -25.51 -16.77 9.92
N ARG A 321 -24.41 -17.09 9.25
CA ARG A 321 -23.28 -17.75 9.90
C ARG A 321 -22.09 -16.79 9.99
N GLY A 322 -22.09 -15.96 11.04
CA GLY A 322 -20.96 -15.08 11.31
C GLY A 322 -19.83 -15.86 11.97
N GLU A 323 -19.51 -17.00 11.38
CA GLU A 323 -18.53 -17.93 11.93
C GLU A 323 -17.39 -18.12 10.94
N LEU A 324 -17.70 -17.89 9.66
CA LEU A 324 -16.68 -17.86 8.63
C LEU A 324 -15.74 -16.68 8.86
N LEU A 325 -16.18 -15.72 9.68
CA LEU A 325 -15.36 -14.57 10.03
C LEU A 325 -14.15 -14.97 10.87
N GLU A 326 -14.20 -16.17 11.43
CA GLU A 326 -13.05 -16.72 12.15
C GLU A 326 -11.93 -17.05 11.18
N ARG A 327 -12.28 -17.26 9.91
CA ARG A 327 -11.33 -17.62 8.87
C ARG A 327 -10.62 -16.40 8.27
N TYR A 328 -10.98 -15.21 8.71
CA TYR A 328 -10.47 -13.97 8.13
C TYR A 328 -8.94 -13.89 8.16
N SER A 329 -8.37 -14.02 9.35
CA SER A 329 -6.93 -13.89 9.54
C SER A 329 -6.14 -14.91 8.73
N ALA A 330 -6.58 -16.16 8.77
CA ALA A 330 -5.87 -17.23 8.09
C ALA A 330 -5.82 -17.00 6.58
N ILE A 331 -6.92 -16.49 6.02
CA ILE A 331 -7.01 -16.27 4.59
C ILE A 331 -6.13 -15.08 4.16
N CYS A 332 -6.25 -13.97 4.89
CA CYS A 332 -5.45 -12.78 4.56
C CYS A 332 -3.96 -13.02 4.75
N LEU A 333 -3.60 -13.68 5.86
CA LEU A 333 -2.20 -13.87 6.21
C LEU A 333 -1.44 -14.66 5.15
N ARG A 334 -2.11 -15.59 4.48
CA ARG A 334 -1.47 -16.37 3.43
C ARG A 334 -0.96 -15.44 2.33
N ARG A 335 -1.78 -14.46 1.97
CA ARG A 335 -1.40 -13.52 0.93
C ARG A 335 -0.45 -12.46 1.48
N ILE A 336 -0.68 -12.04 2.72
CA ILE A 336 0.16 -11.04 3.35
C ILE A 336 1.61 -11.51 3.40
N TRP A 337 1.83 -12.75 3.82
CA TRP A 337 3.19 -13.25 3.95
C TRP A 337 3.87 -13.43 2.60
N LYS A 338 3.10 -13.83 1.59
CA LYS A 338 3.63 -13.92 0.23
C LYS A 338 4.02 -12.55 -0.30
N ALA A 339 3.30 -11.52 0.12
CA ALA A 339 3.64 -10.15 -0.25
C ALA A 339 4.87 -9.69 0.53
N GLU A 340 4.93 -10.03 1.81
CA GLU A 340 6.08 -9.70 2.64
C GLU A 340 7.36 -10.34 2.07
N ARG A 341 7.23 -11.56 1.57
CA ARG A 341 8.38 -12.29 1.02
C ARG A 341 8.92 -11.61 -0.22
N PHE A 342 8.03 -11.28 -1.15
CA PHE A 342 8.43 -10.63 -2.40
C PHE A 342 8.98 -9.23 -2.14
N SER A 343 8.31 -8.48 -1.27
CA SER A 343 8.76 -7.14 -0.93
C SER A 343 10.11 -7.19 -0.22
N TRP A 344 10.31 -8.22 0.60
CA TRP A 344 11.60 -8.44 1.23
C TRP A 344 12.67 -8.80 0.19
N TRP A 345 12.33 -9.68 -0.72
CA TRP A 345 13.28 -10.08 -1.77
C TRP A 345 13.68 -8.88 -2.61
N MET A 346 12.69 -8.16 -3.11
CA MET A 346 12.92 -6.96 -3.92
C MET A 346 13.85 -5.99 -3.21
N THR A 347 13.58 -5.77 -1.93
CA THR A 347 14.40 -4.87 -1.12
C THR A 347 15.81 -5.42 -0.99
N SER A 348 15.91 -6.72 -0.75
CA SER A 348 17.21 -7.35 -0.48
C SER A 348 18.17 -7.32 -1.66
N VAL A 349 17.64 -7.45 -2.88
CA VAL A 349 18.51 -7.52 -4.06
C VAL A 349 18.76 -6.18 -4.74
N LEU A 350 17.99 -5.16 -4.37
CA LEU A 350 18.10 -3.85 -5.04
C LEU A 350 18.81 -2.79 -4.19
N HIS A 351 18.87 -3.01 -2.88
CA HIS A 351 19.48 -2.04 -1.97
C HIS A 351 20.90 -2.40 -1.58
N ARG A 352 21.65 -1.40 -1.15
CA ARG A 352 22.97 -1.58 -0.58
C ARG A 352 22.86 -1.56 0.93
N PHE A 353 23.29 -2.66 1.55
CA PHE A 353 23.23 -2.80 3.00
C PHE A 353 24.58 -2.47 3.63
N PRO A 354 24.58 -1.77 4.78
CA PRO A 354 25.87 -1.47 5.41
C PRO A 354 26.51 -2.70 6.03
N ASP A 355 27.83 -2.69 6.12
CA ASP A 355 28.59 -3.76 6.77
C ASP A 355 28.26 -5.14 6.21
N THR A 356 28.10 -5.22 4.89
CA THR A 356 28.00 -6.50 4.20
C THR A 356 29.34 -6.83 3.59
N ASP A 357 29.66 -8.12 3.46
CA ASP A 357 30.96 -8.53 2.96
C ASP A 357 30.92 -8.79 1.45
N ALA A 358 32.07 -9.16 0.90
CA ALA A 358 32.22 -9.40 -0.52
C ALA A 358 31.30 -10.51 -1.02
N PHE A 359 31.17 -11.59 -0.24
CA PHE A 359 30.33 -12.71 -0.63
C PHE A 359 28.87 -12.28 -0.80
N SER A 360 28.37 -11.45 0.11
CA SER A 360 27.00 -10.96 0.02
C SER A 360 26.77 -10.14 -1.24
N GLN A 361 27.75 -9.32 -1.62
CA GLN A 361 27.64 -8.50 -2.83
C GLN A 361 27.54 -9.36 -4.08
N ARG A 362 28.41 -10.36 -4.18
CA ARG A 362 28.42 -11.26 -5.33
C ARG A 362 27.13 -12.07 -5.42
N ILE A 363 26.61 -12.49 -4.27
CA ILE A 363 25.38 -13.27 -4.24
C ILE A 363 24.22 -12.39 -4.71
N GLN A 364 24.20 -11.14 -4.27
CA GLN A 364 23.17 -10.20 -4.68
C GLN A 364 23.21 -9.98 -6.19
N GLN A 365 24.42 -9.79 -6.71
CA GLN A 365 24.62 -9.59 -8.14
C GLN A 365 24.19 -10.82 -8.92
N THR A 366 24.54 -12.00 -8.40
CA THR A 366 24.20 -13.26 -9.06
C THR A 366 22.69 -13.52 -9.03
N GLU A 367 22.04 -13.11 -7.95
CA GLU A 367 20.58 -13.20 -7.85
C GLU A 367 19.92 -12.45 -9.01
N LEU A 368 20.37 -11.22 -9.24
CA LEU A 368 19.82 -10.40 -10.30
C LEU A 368 20.11 -11.01 -11.67
N GLU A 369 21.35 -11.45 -11.87
CA GLU A 369 21.75 -12.04 -13.14
C GLU A 369 20.96 -13.30 -13.46
N TYR A 370 20.77 -14.16 -12.45
CA TYR A 370 20.01 -15.39 -12.68
C TYR A 370 18.55 -15.10 -12.98
N TYR A 371 17.88 -14.39 -12.07
CA TYR A 371 16.45 -14.19 -12.15
C TYR A 371 16.03 -13.36 -13.36
N LEU A 372 16.92 -12.48 -13.83
CA LEU A 372 16.63 -11.65 -15.00
C LEU A 372 17.09 -12.30 -16.30
N GLY A 373 17.84 -13.40 -16.18
CA GLY A 373 18.36 -14.12 -17.32
C GLY A 373 17.65 -15.43 -17.58
N SER A 374 16.83 -15.86 -16.63
CA SER A 374 16.06 -17.09 -16.76
C SER A 374 14.59 -16.81 -17.04
N GLU A 375 13.98 -17.60 -17.92
CA GLU A 375 12.56 -17.45 -18.22
C GLU A 375 11.74 -17.79 -16.99
N ALA A 376 12.19 -18.80 -16.24
CA ALA A 376 11.53 -19.20 -15.01
C ALA A 376 11.72 -18.13 -13.95
N GLY A 377 12.96 -17.66 -13.81
CA GLY A 377 13.27 -16.60 -12.87
C GLY A 377 12.46 -15.35 -13.15
N LEU A 378 12.43 -14.94 -14.42
CA LEU A 378 11.64 -13.79 -14.84
C LEU A 378 10.17 -13.97 -14.51
N ALA A 379 9.68 -15.21 -14.65
CA ALA A 379 8.28 -15.50 -14.39
C ALA A 379 7.93 -15.39 -12.92
N THR A 380 8.85 -15.78 -12.04
CA THR A 380 8.60 -15.69 -10.61
C THR A 380 8.48 -14.22 -10.19
N ILE A 381 9.28 -13.36 -10.81
CA ILE A 381 9.21 -11.94 -10.53
C ILE A 381 7.90 -11.37 -11.07
N ALA A 382 7.61 -11.71 -12.32
CA ALA A 382 6.45 -11.15 -13.01
C ALA A 382 5.14 -11.50 -12.30
N GLU A 383 4.96 -12.78 -11.97
CA GLU A 383 3.69 -13.21 -11.38
C GLU A 383 3.47 -12.58 -10.01
N ASN A 384 4.56 -12.38 -9.26
CA ASN A 384 4.49 -11.66 -7.99
C ASN A 384 4.25 -10.18 -8.19
N TYR A 385 4.84 -9.61 -9.24
CA TYR A 385 4.77 -8.17 -9.45
C TYR A 385 3.35 -7.73 -9.82
N VAL A 386 2.70 -8.48 -10.70
CA VAL A 386 1.33 -8.16 -11.10
C VAL A 386 0.33 -8.59 -10.03
N GLY A 387 0.79 -9.45 -9.12
CA GLY A 387 -0.05 -9.97 -8.06
C GLY A 387 -0.44 -11.41 -8.33
N LEU A 388 -0.19 -12.28 -7.36
CA LEU A 388 -0.57 -13.67 -7.47
C LEU A 388 -2.09 -13.80 -7.48
N PRO A 389 -2.63 -14.85 -8.12
CA PRO A 389 -4.09 -15.02 -8.17
C PRO A 389 -4.72 -15.05 -6.78
N TYR A 390 -5.74 -14.21 -6.57
CA TYR A 390 -6.43 -14.09 -5.29
C TYR A 390 -6.86 -15.43 -4.71
N GLU A 391 -7.20 -15.42 -3.42
CA GLU A 391 -7.62 -16.63 -2.72
C GLU A 391 -9.09 -16.52 -2.31
#